data_3UC2
#
_entry.id   3UC2
#
_cell.length_a   44.453
_cell.length_b   45.436
_cell.length_c   294.498
_cell.angle_alpha   90.000
_cell.angle_beta   90.000
_cell.angle_gamma   90.000
#
_symmetry.space_group_name_H-M   'P 21 21 21'
#
loop_
_entity.id
_entity.type
_entity.pdbx_description
1 polymer 'hypothetical protein with immunoglobulin-like fold'
2 non-polymer 'SULFATE ION'
3 non-polymer GLYCEROL
4 water water
#
_entity_poly.entity_id   1
_entity_poly.type   'polypeptide(L)'
_entity_poly.pdbx_seq_one_letter_code
;(MSE)GSDKIHHHHHHENLYFQGEQVQRFGDLDVHYNVFNSSFLQPNVASAVGLVRSKAQGVINVVP(MSE)EKGKPVEA
AVTGSAKDLTGKVIPLEFRRVSEEGAIYNLAQFPISQRETLVFTIKVEAKGEPAQTFSFNKEIFPDE
;
_entity_poly.pdbx_strand_id   A,B,C,D
#
# COMPACT_ATOMS: atom_id res chain seq x y z
N TYR A 16 -1.47 -0.87 45.31
CA TYR A 16 -2.28 -1.80 44.51
C TYR A 16 -1.36 -2.85 43.84
N PHE A 17 -1.48 -4.11 44.29
CA PHE A 17 -0.67 -5.27 43.89
C PHE A 17 -1.28 -6.08 42.74
N GLN A 18 -2.59 -5.91 42.46
CA GLN A 18 -3.28 -6.68 41.44
C GLN A 18 -2.72 -6.29 40.04
N GLY A 19 -2.06 -7.27 39.42
CA GLY A 19 -1.44 -7.11 38.11
C GLY A 19 0.02 -6.70 38.15
N GLU A 20 0.64 -6.65 39.38
CA GLU A 20 2.03 -6.23 39.59
CA GLU A 20 2.04 -6.25 39.62
C GLU A 20 3.02 -7.10 38.81
N GLN A 21 3.96 -6.45 38.14
CA GLN A 21 5.01 -7.08 37.33
C GLN A 21 6.39 -6.64 37.85
N VAL A 22 7.45 -7.40 37.53
CA VAL A 22 8.82 -7.12 37.97
C VAL A 22 9.75 -7.22 36.76
N GLN A 23 10.59 -6.23 36.56
CA GLN A 23 11.64 -6.27 35.54
C GLN A 23 12.94 -6.29 36.29
N ARG A 24 13.83 -7.26 36.03
CA ARG A 24 15.06 -7.36 36.79
C ARG A 24 16.31 -7.02 35.93
N PHE A 25 17.23 -6.22 36.50
CA PHE A 25 18.51 -5.76 35.92
C PHE A 25 19.62 -6.02 36.93
N GLY A 26 19.96 -7.29 37.11
CA GLY A 26 20.95 -7.69 38.08
C GLY A 26 20.44 -7.36 39.48
N ASP A 27 21.10 -6.41 40.14
CA ASP A 27 20.75 -5.93 41.48
C ASP A 27 19.41 -5.12 41.48
N LEU A 28 19.15 -4.34 40.41
CA LEU A 28 17.98 -3.48 40.32
C LEU A 28 16.71 -4.26 39.91
N ASP A 29 15.75 -4.34 40.82
CA ASP A 29 14.46 -5.00 40.63
C ASP A 29 13.39 -3.92 40.56
N VAL A 30 12.78 -3.75 39.39
CA VAL A 30 11.79 -2.70 39.22
C VAL A 30 10.38 -3.32 39.24
N HIS A 31 9.65 -3.01 40.31
CA HIS A 31 8.25 -3.41 40.45
C HIS A 31 7.39 -2.35 39.80
N TYR A 32 6.39 -2.75 39.02
CA TYR A 32 5.52 -1.79 38.36
C TYR A 32 4.12 -2.35 38.18
N ASN A 33 3.15 -1.43 38.08
CA ASN A 33 1.75 -1.77 37.87
C ASN A 33 1.01 -0.61 37.21
N VAL A 34 0.10 -0.92 36.29
CA VAL A 34 -0.76 0.03 35.59
C VAL A 34 -2.19 -0.29 36.00
N PHE A 35 -2.92 0.70 36.54
CA PHE A 35 -4.29 0.47 36.99
C PHE A 35 -5.10 1.78 36.90
N ASN A 36 -6.43 1.70 37.14
CA ASN A 36 -7.31 2.86 37.11
C ASN A 36 -7.04 3.74 38.34
N SER A 37 -6.97 5.07 38.18
CA SER A 37 -6.64 5.99 39.29
C SER A 37 -7.71 5.94 40.42
N SER A 38 -8.94 5.40 40.13
CA SER A 38 -9.98 5.22 41.16
C SER A 38 -9.50 4.28 42.29
N PHE A 39 -8.54 3.39 41.99
CA PHE A 39 -8.01 2.44 42.97
C PHE A 39 -6.96 3.09 43.88
N LEU A 40 -6.57 4.36 43.59
CA LEU A 40 -5.62 5.06 44.46
C LEU A 40 -6.27 5.51 45.74
N GLN A 41 -5.56 5.37 46.88
CA GLN A 41 -6.06 5.87 48.18
C GLN A 41 -6.16 7.40 48.11
N PRO A 42 -7.21 8.04 48.69
CA PRO A 42 -7.35 9.52 48.60
C PRO A 42 -6.12 10.32 49.04
N ASN A 43 -5.41 9.87 50.10
CA ASN A 43 -4.22 10.55 50.62
C ASN A 43 -3.03 10.43 49.65
N VAL A 44 -2.90 9.30 48.96
CA VAL A 44 -1.81 9.06 48.02
C VAL A 44 -2.01 9.97 46.78
N ALA A 45 -3.25 10.02 46.25
CA ALA A 45 -3.60 10.82 45.07
C ALA A 45 -3.38 12.34 45.33
N SER A 46 -3.83 12.85 46.49
CA SER A 46 -3.68 14.24 46.92
C SER A 46 -2.20 14.65 47.01
N ALA A 47 -1.35 13.75 47.53
CA ALA A 47 0.09 13.97 47.73
C ALA A 47 0.84 14.21 46.40
N VAL A 48 0.36 13.65 45.30
CA VAL A 48 0.98 13.83 43.99
C VAL A 48 0.09 14.70 43.07
N GLY A 49 -0.96 15.31 43.63
CA GLY A 49 -1.88 16.18 42.90
C GLY A 49 -2.61 15.54 41.74
N LEU A 50 -3.15 14.35 41.95
CA LEU A 50 -3.93 13.62 40.94
C LEU A 50 -5.38 13.54 41.41
N VAL A 51 -6.29 14.07 40.58
CA VAL A 51 -7.73 14.02 40.84
C VAL A 51 -8.22 12.64 40.34
N ARG A 52 -8.61 11.75 41.29
CA ARG A 52 -9.10 10.37 41.05
C ARG A 52 -10.30 10.43 40.10
N SER A 53 -10.17 9.70 39.00
CA SER A 53 -11.13 9.72 37.91
C SER A 53 -11.06 8.41 37.15
N LYS A 54 -12.23 7.87 36.77
CA LYS A 54 -12.35 6.62 36.00
C LYS A 54 -11.76 6.80 34.59
N ALA A 55 -11.68 8.05 34.09
CA ALA A 55 -11.13 8.51 32.82
C ALA A 55 -9.59 8.61 32.83
N GLN A 56 -8.95 8.35 34.00
CA GLN A 56 -7.50 8.48 34.18
C GLN A 56 -6.89 7.20 34.71
N GLY A 57 -5.77 6.81 34.12
CA GLY A 57 -5.03 5.66 34.56
C GLY A 57 -3.83 6.14 35.34
N VAL A 58 -3.17 5.22 36.00
CA VAL A 58 -1.97 5.57 36.72
C VAL A 58 -0.99 4.41 36.56
N ILE A 59 0.29 4.77 36.47
CA ILE A 59 1.36 3.77 36.47
C ILE A 59 2.21 4.01 37.77
N ASN A 60 2.47 2.94 38.53
CA ASN A 60 3.33 2.96 39.72
C ASN A 60 4.61 2.21 39.41
N VAL A 61 5.78 2.86 39.62
CA VAL A 61 7.11 2.26 39.39
C VAL A 61 7.86 2.29 40.73
N VAL A 62 8.25 1.10 41.23
CA VAL A 62 8.95 1.02 42.52
C VAL A 62 10.30 0.28 42.30
N PRO A 63 11.42 1.04 42.19
CA PRO A 63 12.73 0.39 42.03
C PRO A 63 13.29 -0.09 43.37
N GLU A 65 16.71 -2.66 45.36
CA GLU A 65 18.04 -3.30 45.38
C GLU A 65 18.24 -4.05 46.69
N LYS A 66 18.51 -5.38 46.60
CA LYS A 66 18.70 -6.32 47.71
C LYS A 66 17.48 -6.31 48.67
N GLY A 67 16.29 -6.15 48.08
CA GLY A 67 15.01 -6.13 48.80
C GLY A 67 14.69 -4.83 49.50
N LYS A 68 15.58 -3.82 49.36
CA LYS A 68 15.44 -2.51 49.98
C LYS A 68 15.05 -1.45 48.93
N PRO A 69 14.18 -0.46 49.27
CA PRO A 69 13.84 0.58 48.29
C PRO A 69 15.02 1.49 48.00
N VAL A 70 15.08 2.05 46.80
CA VAL A 70 16.19 2.92 46.44
C VAL A 70 15.61 4.23 45.87
N GLU A 71 16.28 5.36 46.13
CA GLU A 71 15.88 6.65 45.60
C GLU A 71 16.18 6.67 44.10
N ALA A 72 15.22 7.14 43.28
CA ALA A 72 15.41 7.17 41.84
C ALA A 72 14.60 8.26 41.16
N ALA A 73 15.10 8.70 40.01
CA ALA A 73 14.38 9.57 39.09
C ALA A 73 13.72 8.66 38.03
N VAL A 74 12.39 8.57 38.04
CA VAL A 74 11.67 7.73 37.10
C VAL A 74 11.07 8.63 36.02
N THR A 75 11.33 8.30 34.73
CA THR A 75 10.80 9.04 33.60
C THR A 75 10.24 8.01 32.61
N GLY A 76 9.49 8.49 31.64
CA GLY A 76 8.95 7.64 30.62
C GLY A 76 7.85 8.23 29.80
N SER A 77 7.29 7.38 28.95
CA SER A 77 6.19 7.73 28.05
C SER A 77 5.49 6.47 27.62
N ALA A 78 4.30 6.63 27.04
CA ALA A 78 3.55 5.53 26.47
C ALA A 78 3.22 5.87 25.00
N LYS A 79 3.18 4.85 24.15
CA LYS A 79 2.92 5.06 22.74
C LYS A 79 1.75 4.17 22.26
N ASP A 80 0.87 4.71 21.42
CA ASP A 80 -0.23 3.92 20.86
C ASP A 80 0.15 3.47 19.40
N LEU A 81 -0.69 2.67 18.73
CA LEU A 81 -0.43 2.12 17.37
C LEU A 81 -0.32 3.17 16.27
N THR A 82 -0.76 4.43 16.50
CA THR A 82 -0.65 5.48 15.47
C THR A 82 0.71 6.22 15.63
N GLY A 83 1.45 5.87 16.67
CA GLY A 83 2.72 6.51 16.98
C GLY A 83 2.57 7.70 17.90
N LYS A 84 1.33 7.99 18.35
CA LYS A 84 1.06 9.09 19.28
C LYS A 84 1.71 8.77 20.64
N VAL A 85 2.56 9.68 21.11
CA VAL A 85 3.30 9.54 22.35
C VAL A 85 2.53 10.25 23.45
N ILE A 86 2.23 9.53 24.54
CA ILE A 86 1.55 10.02 25.76
C ILE A 86 2.65 10.30 26.78
N PRO A 87 2.96 11.58 27.11
CA PRO A 87 4.03 11.84 28.08
C PRO A 87 3.59 11.45 29.49
N LEU A 88 4.55 11.02 30.31
CA LEU A 88 4.27 10.60 31.67
C LEU A 88 5.10 11.42 32.63
N GLU A 89 4.49 12.02 33.63
CA GLU A 89 5.27 12.79 34.58
C GLU A 89 5.14 12.11 35.91
N PHE A 90 6.25 11.51 36.37
CA PHE A 90 6.25 10.78 37.63
C PHE A 90 6.44 11.69 38.80
N ARG A 91 5.69 11.40 39.87
CA ARG A 91 5.75 12.12 41.12
C ARG A 91 5.96 11.14 42.26
N ARG A 92 6.83 11.51 43.18
CA ARG A 92 7.24 10.71 44.31
C ARG A 92 6.30 10.91 45.48
N VAL A 93 5.91 9.81 46.12
CA VAL A 93 5.06 9.85 47.31
C VAL A 93 5.49 8.73 48.27
N SER A 94 5.70 9.07 49.55
CA SER A 94 6.04 8.10 50.58
C SER A 94 4.89 8.03 51.58
N GLU A 95 4.05 6.98 51.46
CA GLU A 95 2.89 6.77 52.33
C GLU A 95 3.00 5.41 53.03
N GLU A 96 2.92 5.45 54.39
CA GLU A 96 3.02 4.32 55.34
C GLU A 96 4.40 3.62 55.20
N GLY A 97 5.46 4.42 55.10
CA GLY A 97 6.84 3.94 54.94
C GLY A 97 7.26 3.51 53.56
N ALA A 98 6.29 3.19 52.66
CA ALA A 98 6.53 2.75 51.28
C ALA A 98 6.68 3.93 50.30
N ILE A 99 7.71 3.88 49.42
CA ILE A 99 7.98 4.94 48.44
C ILE A 99 7.39 4.56 47.04
N TYR A 100 6.62 5.47 46.44
CA TYR A 100 5.97 5.25 45.14
C TYR A 100 6.33 6.33 44.14
N ASN A 101 6.30 5.96 42.84
CA ASN A 101 6.57 6.85 41.72
C ASN A 101 5.40 6.71 40.79
N LEU A 102 4.49 7.68 40.84
CA LEU A 102 3.24 7.61 40.11
C LEU A 102 3.13 8.63 38.98
N ALA A 103 2.60 8.17 37.83
CA ALA A 103 2.31 9.05 36.68
C ALA A 103 0.89 8.78 36.19
N GLN A 104 0.14 9.83 35.94
CA GLN A 104 -1.23 9.75 35.44
C GLN A 104 -1.24 9.84 33.90
N PHE A 105 -2.25 9.27 33.27
CA PHE A 105 -2.43 9.37 31.82
C PHE A 105 -3.93 9.24 31.50
N PRO A 106 -4.42 9.94 30.46
CA PRO A 106 -5.84 9.85 30.14
C PRO A 106 -6.19 8.53 29.46
N ILE A 107 -7.39 8.03 29.72
CA ILE A 107 -7.98 6.83 29.10
C ILE A 107 -9.22 7.27 28.36
N SER A 108 -9.15 7.33 27.02
CA SER A 108 -10.24 7.79 26.17
C SER A 108 -10.93 6.63 25.47
N GLN A 109 -10.25 5.48 25.32
CA GLN A 109 -10.79 4.34 24.60
C GLN A 109 -9.98 3.07 24.88
N ARG A 110 -10.47 1.95 24.37
CA ARG A 110 -9.81 0.66 24.35
C ARG A 110 -8.54 0.77 23.52
N GLU A 111 -7.39 0.47 24.10
CA GLU A 111 -6.15 0.61 23.34
C GLU A 111 -5.05 -0.20 23.94
N THR A 112 -4.08 -0.56 23.12
CA THR A 112 -2.85 -1.20 23.57
C THR A 112 -1.78 -0.14 23.56
N LEU A 113 -1.15 0.04 24.71
CA LEU A 113 -0.06 1.01 24.81
C LEU A 113 1.25 0.30 25.04
N VAL A 114 2.33 0.84 24.49
CA VAL A 114 3.69 0.42 24.73
C VAL A 114 4.29 1.45 25.69
N PHE A 115 4.57 1.04 26.92
CA PHE A 115 5.20 1.88 27.96
C PHE A 115 6.72 1.74 27.91
N THR A 116 7.46 2.85 27.85
CA THR A 116 8.94 2.86 27.91
C THR A 116 9.32 3.64 29.14
N ILE A 117 9.92 2.98 30.14
CA ILE A 117 10.25 3.61 31.42
C ILE A 117 11.76 3.62 31.64
N LYS A 118 12.29 4.74 32.12
CA LYS A 118 13.71 4.91 32.44
C LYS A 118 13.84 5.10 33.94
N VAL A 119 14.68 4.29 34.57
CA VAL A 119 14.94 4.38 36.01
C VAL A 119 16.41 4.78 36.21
N GLU A 120 16.60 5.95 36.89
CA GLU A 120 17.93 6.43 37.26
C GLU A 120 18.03 6.35 38.75
N ALA A 121 18.48 5.21 39.26
CA ALA A 121 18.69 5.04 40.70
C ALA A 121 19.92 5.82 41.14
N LYS A 122 19.90 6.37 42.37
CA LYS A 122 20.95 7.21 42.95
C LYS A 122 22.31 6.57 42.76
N GLY A 123 23.23 7.34 42.15
CA GLY A 123 24.61 6.95 41.85
C GLY A 123 24.80 5.79 40.89
N GLU A 124 23.72 5.32 40.20
CA GLU A 124 23.78 4.18 39.31
CA GLU A 124 23.80 4.17 39.30
C GLU A 124 23.51 4.53 37.84
N PRO A 125 24.09 3.77 36.85
CA PRO A 125 23.73 4.01 35.43
C PRO A 125 22.25 3.76 35.19
N ALA A 126 21.67 4.52 34.27
CA ALA A 126 20.25 4.44 33.95
C ALA A 126 19.89 3.04 33.38
N GLN A 127 18.64 2.63 33.61
CA GLN A 127 18.07 1.40 33.05
C GLN A 127 16.78 1.72 32.40
N THR A 128 16.56 1.20 31.21
CA THR A 128 15.31 1.40 30.49
C THR A 128 14.67 0.07 30.19
N PHE A 129 13.33 0.01 30.27
CA PHE A 129 12.56 -1.18 29.93
C PHE A 129 11.24 -0.76 29.27
N SER A 130 10.68 -1.65 28.45
CA SER A 130 9.40 -1.46 27.76
C SER A 130 8.46 -2.61 28.06
N PHE A 131 7.15 -2.34 27.98
CA PHE A 131 6.14 -3.39 28.14
C PHE A 131 4.83 -2.92 27.50
N ASN A 132 4.02 -3.87 27.09
CA ASN A 132 2.69 -3.68 26.50
C ASN A 132 1.65 -3.77 27.55
N LYS A 133 0.64 -2.92 27.45
CA LYS A 133 -0.49 -2.97 28.35
C LYS A 133 -1.78 -2.65 27.58
N GLU A 134 -2.78 -3.50 27.70
CA GLU A 134 -4.12 -3.31 27.17
C GLU A 134 -4.90 -2.44 28.13
N ILE A 135 -5.35 -1.29 27.67
CA ILE A 135 -6.10 -0.34 28.49
C ILE A 135 -7.58 -0.50 28.16
N PHE A 136 -8.42 -0.51 29.20
CA PHE A 136 -9.86 -0.64 29.11
C PHE A 136 -10.53 0.50 29.82
N PRO A 137 -11.32 1.35 29.13
CA PRO A 137 -12.04 2.42 29.84
C PRO A 137 -13.14 1.82 30.76
N ASP A 138 -13.39 2.49 31.88
CA ASP A 138 -14.39 2.07 32.86
C ASP A 138 -15.62 2.96 32.76
N GLU A 139 -16.82 2.41 33.02
CA GLU A 139 -18.09 3.16 32.95
C GLU A 139 -18.20 4.22 34.07
N HIS B 11 -18.50 24.14 6.78
CA HIS B 11 -17.46 23.75 5.85
C HIS B 11 -17.65 24.45 4.47
N HIS B 12 -16.68 24.26 3.54
CA HIS B 12 -16.66 24.79 2.17
C HIS B 12 -17.69 24.04 1.32
N GLU B 13 -17.76 22.69 1.46
CA GLU B 13 -18.70 21.83 0.74
C GLU B 13 -20.13 21.98 1.30
N ASN B 14 -21.11 22.21 0.40
CA ASN B 14 -22.52 22.40 0.78
C ASN B 14 -23.28 21.04 0.84
N LEU B 15 -22.59 19.91 0.55
CA LEU B 15 -23.17 18.55 0.53
C LEU B 15 -22.55 17.66 1.66
N TYR B 16 -23.03 16.39 1.78
CA TYR B 16 -22.60 15.34 2.73
C TYR B 16 -21.08 15.14 2.75
N PHE B 17 -20.38 15.43 1.62
CA PHE B 17 -18.92 15.32 1.48
C PHE B 17 -18.21 16.50 2.23
N GLN B 18 -18.57 16.73 3.52
CA GLN B 18 -18.10 17.80 4.39
C GLN B 18 -16.60 17.69 4.68
N GLY B 19 -16.18 16.75 5.52
CA GLY B 19 -14.77 16.56 5.87
C GLY B 19 -13.95 15.83 4.82
N GLU B 20 -14.30 16.03 3.52
CA GLU B 20 -13.71 15.47 2.31
C GLU B 20 -12.20 15.64 2.29
N GLN B 21 -11.52 14.55 1.94
CA GLN B 21 -10.07 14.50 1.79
C GLN B 21 -9.73 13.93 0.42
N VAL B 22 -8.52 14.22 -0.10
CA VAL B 22 -8.11 13.73 -1.41
C VAL B 22 -6.75 13.05 -1.29
N GLN B 23 -6.68 11.83 -1.84
CA GLN B 23 -5.48 11.03 -1.92
C GLN B 23 -5.06 10.96 -3.38
N ARG B 24 -3.84 11.46 -3.68
CA ARG B 24 -3.38 11.55 -5.07
C ARG B 24 -2.21 10.60 -5.35
N PHE B 25 -2.31 9.90 -6.51
CA PHE B 25 -1.31 8.97 -7.07
C PHE B 25 -1.08 9.33 -8.54
N GLY B 26 -0.40 10.44 -8.76
CA GLY B 26 -0.17 10.98 -10.10
C GLY B 26 -1.50 11.38 -10.71
N ASP B 27 -1.94 10.61 -11.73
CA ASP B 27 -3.21 10.82 -12.45
C ASP B 27 -4.43 10.47 -11.59
N LEU B 28 -4.30 9.44 -10.72
CA LEU B 28 -5.40 8.94 -9.88
C LEU B 28 -5.60 9.82 -8.64
N ASP B 29 -6.75 10.51 -8.60
CA ASP B 29 -7.19 11.37 -7.50
C ASP B 29 -8.33 10.67 -6.78
N VAL B 30 -8.06 10.16 -5.59
CA VAL B 30 -9.05 9.43 -4.80
C VAL B 30 -9.62 10.35 -3.72
N HIS B 31 -10.90 10.71 -3.88
CA HIS B 31 -11.65 11.50 -2.91
C HIS B 31 -12.25 10.54 -1.88
N TYR B 32 -12.18 10.88 -0.58
CA TYR B 32 -12.76 10.01 0.43
C TYR B 32 -13.28 10.82 1.62
N ASN B 33 -14.24 10.24 2.33
CA ASN B 33 -14.83 10.84 3.51
C ASN B 33 -15.40 9.77 4.44
N VAL B 34 -15.23 9.97 5.74
CA VAL B 34 -15.75 9.08 6.78
C VAL B 34 -16.73 9.90 7.60
N PHE B 35 -17.97 9.41 7.73
CA PHE B 35 -19.02 10.13 8.46
C PHE B 35 -20.07 9.15 9.02
N ASN B 36 -21.00 9.65 9.85
CA ASN B 36 -22.08 8.85 10.43
C ASN B 36 -23.09 8.47 9.34
N SER B 37 -23.57 7.21 9.32
CA SER B 37 -24.51 6.71 8.31
C SER B 37 -25.84 7.48 8.30
N SER B 38 -26.17 8.21 9.40
CA SER B 38 -27.39 9.02 9.49
C SER B 38 -27.37 10.18 8.48
N PHE B 39 -26.17 10.63 8.05
CA PHE B 39 -26.01 11.72 7.08
C PHE B 39 -26.27 11.22 5.63
N LEU B 40 -26.42 9.91 5.41
CA LEU B 40 -26.70 9.36 4.08
C LEU B 40 -28.13 9.65 3.66
N GLN B 41 -28.33 10.01 2.37
CA GLN B 41 -29.68 10.21 1.81
C GLN B 41 -30.42 8.87 1.83
N PRO B 42 -31.75 8.84 2.15
CA PRO B 42 -32.46 7.55 2.24
C PRO B 42 -32.36 6.67 0.98
N ASN B 43 -32.37 7.26 -0.22
CA ASN B 43 -32.29 6.54 -1.49
C ASN B 43 -30.90 5.92 -1.71
N VAL B 44 -29.84 6.61 -1.25
CA VAL B 44 -28.45 6.14 -1.40
C VAL B 44 -28.23 4.92 -0.48
N ALA B 45 -28.67 5.02 0.79
CA ALA B 45 -28.54 3.97 1.80
C ALA B 45 -29.28 2.69 1.37
N SER B 46 -30.54 2.82 0.89
CA SER B 46 -31.38 1.71 0.42
C SER B 46 -30.75 0.98 -0.76
N ALA B 47 -30.13 1.73 -1.71
CA ALA B 47 -29.48 1.22 -2.92
C ALA B 47 -28.33 0.27 -2.61
N VAL B 48 -27.61 0.47 -1.48
CA VAL B 48 -26.48 -0.38 -1.10
C VAL B 48 -26.85 -1.24 0.13
N GLY B 49 -28.14 -1.27 0.50
CA GLY B 49 -28.66 -2.06 1.61
C GLY B 49 -28.05 -1.76 2.97
N LEU B 50 -27.94 -0.48 3.31
CA LEU B 50 -27.39 -0.01 4.58
C LEU B 50 -28.48 0.70 5.39
N VAL B 51 -28.61 0.33 6.67
CA VAL B 51 -29.58 0.94 7.57
C VAL B 51 -28.97 2.23 8.15
N ARG B 52 -29.68 3.37 8.01
CA ARG B 52 -29.25 4.67 8.55
C ARG B 52 -29.37 4.58 10.07
N SER B 53 -28.25 4.26 10.70
CA SER B 53 -28.16 4.06 12.14
C SER B 53 -27.04 4.91 12.72
N LYS B 54 -27.29 5.55 13.89
CA LYS B 54 -26.29 6.38 14.59
C LYS B 54 -25.12 5.53 15.07
N ALA B 55 -25.38 4.23 15.28
CA ALA B 55 -24.44 3.19 15.71
C ALA B 55 -23.51 2.71 14.57
N GLN B 56 -23.75 3.19 13.32
CA GLN B 56 -22.98 2.77 12.15
C GLN B 56 -22.34 3.96 11.42
N GLY B 57 -21.07 3.80 11.09
CA GLY B 57 -20.30 4.78 10.33
C GLY B 57 -20.18 4.34 8.90
N VAL B 58 -19.90 5.27 8.00
CA VAL B 58 -19.75 4.89 6.60
C VAL B 58 -18.51 5.61 6.04
N ILE B 59 -17.81 4.91 5.15
CA ILE B 59 -16.69 5.48 4.42
C ILE B 59 -17.08 5.51 2.94
N ASN B 60 -16.92 6.68 2.29
CA ASN B 60 -17.16 6.88 0.87
C ASN B 60 -15.83 7.10 0.15
N VAL B 61 -15.52 6.30 -0.87
CA VAL B 61 -14.27 6.40 -1.64
C VAL B 61 -14.66 6.66 -3.11
N VAL B 62 -14.22 7.79 -3.68
CA VAL B 62 -14.58 8.15 -5.06
C VAL B 62 -13.27 8.39 -5.90
N PRO B 63 -12.83 7.38 -6.67
CA PRO B 63 -11.61 7.57 -7.48
C PRO B 63 -11.91 8.31 -8.78
N GLU B 65 -9.78 10.45 -12.47
CA GLU B 65 -8.64 10.72 -13.36
C GLU B 65 -9.03 11.84 -14.31
N LYS B 66 -8.22 12.93 -14.32
CA LYS B 66 -8.40 14.14 -15.15
C LYS B 66 -9.79 14.79 -14.91
N GLY B 67 -10.26 14.71 -13.65
CA GLY B 67 -11.54 15.26 -13.21
C GLY B 67 -12.76 14.44 -13.59
N LYS B 68 -12.54 13.27 -14.22
CA LYS B 68 -13.59 12.35 -14.65
C LYS B 68 -13.64 11.12 -13.73
N PRO B 69 -14.85 10.57 -13.41
CA PRO B 69 -14.91 9.36 -12.57
C PRO B 69 -14.37 8.14 -13.31
N VAL B 70 -13.80 7.18 -12.58
CA VAL B 70 -13.20 6.01 -13.22
C VAL B 70 -13.73 4.74 -12.53
N GLU B 71 -13.84 3.65 -13.32
CA GLU B 71 -14.25 2.33 -12.85
C GLU B 71 -13.14 1.76 -11.98
N ALA B 72 -13.46 1.34 -10.75
CA ALA B 72 -12.48 0.82 -9.81
C ALA B 72 -13.07 -0.12 -8.82
N ALA B 73 -12.23 -1.08 -8.42
CA ALA B 73 -12.50 -2.02 -7.35
C ALA B 73 -11.90 -1.44 -6.07
N VAL B 74 -12.76 -1.02 -5.14
CA VAL B 74 -12.33 -0.46 -3.86
C VAL B 74 -12.49 -1.53 -2.78
N THR B 75 -11.38 -1.78 -2.05
CA THR B 75 -11.32 -2.73 -0.95
C THR B 75 -10.59 -2.05 0.21
N GLY B 76 -10.68 -2.65 1.38
CA GLY B 76 -10.00 -2.12 2.54
C GLY B 76 -10.48 -2.67 3.86
N SER B 77 -9.91 -2.11 4.91
CA SER B 77 -10.19 -2.45 6.30
C SER B 77 -9.82 -1.29 7.21
N ALA B 78 -10.27 -1.36 8.46
CA ALA B 78 -9.95 -0.38 9.48
C ALA B 78 -9.39 -1.11 10.68
N LYS B 79 -8.49 -0.48 11.40
CA LYS B 79 -7.86 -1.08 12.56
C LYS B 79 -8.04 -0.15 13.73
N ASP B 80 -8.47 -0.67 14.90
CA ASP B 80 -8.63 0.13 16.12
C ASP B 80 -7.31 0.08 16.90
N LEU B 81 -7.22 0.83 18.03
CA LEU B 81 -5.97 0.94 18.81
C LEU B 81 -5.59 -0.35 19.56
N THR B 82 -6.43 -1.41 19.54
CA THR B 82 -6.06 -2.69 20.16
C THR B 82 -5.45 -3.61 19.05
N GLY B 83 -5.47 -3.15 17.82
CA GLY B 83 -5.00 -3.94 16.67
C GLY B 83 -6.08 -4.77 16.01
N LYS B 84 -7.33 -4.69 16.52
CA LYS B 84 -8.47 -5.41 15.97
C LYS B 84 -8.78 -4.85 14.59
N VAL B 85 -8.89 -5.74 13.59
CA VAL B 85 -9.16 -5.36 12.21
C VAL B 85 -10.68 -5.45 11.93
N ILE B 86 -11.28 -4.34 11.47
CA ILE B 86 -12.69 -4.19 11.10
C ILE B 86 -12.76 -4.35 9.57
N PRO B 87 -13.37 -5.44 9.05
CA PRO B 87 -13.46 -5.59 7.59
C PRO B 87 -14.40 -4.56 6.97
N LEU B 88 -14.11 -4.15 5.73
CA LEU B 88 -14.96 -3.19 5.03
C LEU B 88 -15.42 -3.79 3.71
N GLU B 89 -16.73 -3.79 3.46
CA GLU B 89 -17.24 -4.33 2.22
C GLU B 89 -17.84 -3.18 1.43
N PHE B 90 -17.16 -2.77 0.36
CA PHE B 90 -17.59 -1.63 -0.44
C PHE B 90 -18.67 -2.03 -1.42
N ARG B 91 -19.67 -1.15 -1.56
CA ARG B 91 -20.79 -1.31 -2.48
C ARG B 91 -20.90 -0.07 -3.35
N ARG B 92 -21.03 -0.31 -4.65
CA ARG B 92 -21.09 0.73 -5.67
C ARG B 92 -22.53 1.23 -5.83
N VAL B 93 -22.71 2.56 -5.88
CA VAL B 93 -24.02 3.19 -6.07
C VAL B 93 -23.85 4.48 -6.89
N SER B 94 -24.66 4.66 -7.93
CA SER B 94 -24.64 5.87 -8.76
C SER B 94 -25.96 6.62 -8.58
N GLU B 95 -25.94 7.68 -7.75
CA GLU B 95 -27.13 8.50 -7.47
C GLU B 95 -26.87 9.97 -7.84
N GLU B 96 -27.78 10.51 -8.70
CA GLU B 96 -27.80 11.87 -9.27
C GLU B 96 -26.50 12.12 -10.07
N GLY B 97 -26.11 11.14 -10.88
CA GLY B 97 -24.91 11.17 -11.73
C GLY B 97 -23.59 10.90 -11.04
N ALA B 98 -23.54 11.02 -9.69
CA ALA B 98 -22.32 10.81 -8.88
C ALA B 98 -22.16 9.33 -8.51
N ILE B 99 -20.96 8.76 -8.69
CA ILE B 99 -20.64 7.35 -8.37
C ILE B 99 -20.00 7.27 -6.98
N TYR B 100 -20.52 6.38 -6.12
CA TYR B 100 -20.01 6.21 -4.76
C TYR B 100 -19.63 4.78 -4.47
N ASN B 101 -18.64 4.62 -3.58
CA ASN B 101 -18.16 3.33 -3.09
C ASN B 101 -18.26 3.41 -1.59
N LEU B 102 -19.30 2.81 -1.03
CA LEU B 102 -19.60 2.91 0.39
C LEU B 102 -19.38 1.60 1.14
N ALA B 103 -18.79 1.72 2.35
CA ALA B 103 -18.58 0.61 3.28
C ALA B 103 -18.99 1.02 4.67
N GLN B 104 -19.87 0.23 5.30
CA GLN B 104 -20.38 0.48 6.64
C GLN B 104 -19.51 -0.20 7.69
N PHE B 105 -19.45 0.36 8.90
CA PHE B 105 -18.68 -0.21 10.00
C PHE B 105 -19.34 0.20 11.32
N PRO B 106 -19.30 -0.68 12.35
CA PRO B 106 -19.94 -0.32 13.63
C PRO B 106 -19.15 0.72 14.42
N ILE B 107 -19.87 1.55 15.16
CA ILE B 107 -19.34 2.57 16.07
C ILE B 107 -19.93 2.27 17.45
N SER B 108 -19.11 1.79 18.40
CA SER B 108 -19.59 1.47 19.74
C SER B 108 -19.22 2.58 20.74
N GLN B 109 -18.11 3.31 20.48
CA GLN B 109 -17.63 4.40 21.34
C GLN B 109 -16.61 5.28 20.61
N ARG B 110 -16.16 6.38 21.31
CA ARG B 110 -15.14 7.29 20.82
CA ARG B 110 -15.12 7.28 20.84
C ARG B 110 -13.87 6.47 20.58
N GLU B 111 -13.34 6.51 19.36
CA GLU B 111 -12.15 5.75 18.99
C GLU B 111 -11.42 6.34 17.82
N THR B 112 -10.14 5.98 17.72
CA THR B 112 -9.29 6.32 16.62
C THR B 112 -9.20 5.10 15.74
N LEU B 113 -9.53 5.24 14.47
CA LEU B 113 -9.37 4.14 13.53
C LEU B 113 -8.32 4.47 12.50
N VAL B 114 -7.59 3.45 12.06
CA VAL B 114 -6.63 3.54 11.00
C VAL B 114 -7.23 2.80 9.80
N PHE B 115 -7.67 3.54 8.78
CA PHE B 115 -8.20 2.96 7.56
C PHE B 115 -7.07 2.68 6.59
N THR B 116 -7.15 1.55 5.89
CA THR B 116 -6.22 1.16 4.82
C THR B 116 -7.08 0.84 3.64
N ILE B 117 -7.04 1.71 2.61
CA ILE B 117 -7.86 1.58 1.40
C ILE B 117 -7.00 1.30 0.20
N LYS B 118 -7.37 0.25 -0.54
CA LYS B 118 -6.74 -0.17 -1.77
C LYS B 118 -7.69 0.18 -2.94
N VAL B 119 -7.19 0.89 -3.96
CA VAL B 119 -7.98 1.27 -5.13
C VAL B 119 -7.32 0.63 -6.35
N GLU B 120 -8.10 -0.17 -7.11
CA GLU B 120 -7.66 -0.80 -8.35
C GLU B 120 -8.44 -0.20 -9.48
N ALA B 121 -7.89 0.85 -10.10
CA ALA B 121 -8.53 1.56 -11.20
C ALA B 121 -8.30 0.78 -12.50
N LYS B 122 -9.33 0.74 -13.38
CA LYS B 122 -9.26 0.00 -14.65
C LYS B 122 -8.00 0.38 -15.46
N GLY B 123 -7.16 -0.62 -15.76
CA GLY B 123 -5.90 -0.47 -16.48
C GLY B 123 -4.79 0.28 -15.78
N GLU B 124 -4.95 0.59 -14.47
CA GLU B 124 -3.98 1.34 -13.66
C GLU B 124 -3.39 0.50 -12.54
N PRO B 125 -2.13 0.80 -12.07
CA PRO B 125 -1.57 0.00 -10.97
C PRO B 125 -2.38 0.17 -9.68
N ALA B 126 -2.51 -0.91 -8.89
CA ALA B 126 -3.21 -0.83 -7.60
C ALA B 126 -2.46 0.10 -6.69
N GLN B 127 -3.17 1.00 -6.01
CA GLN B 127 -2.54 1.92 -5.07
C GLN B 127 -3.23 1.75 -3.73
N THR B 128 -2.44 1.75 -2.65
CA THR B 128 -2.96 1.64 -1.29
C THR B 128 -2.60 2.91 -0.50
N PHE B 129 -3.51 3.38 0.35
CA PHE B 129 -3.24 4.53 1.22
C PHE B 129 -3.88 4.27 2.59
N SER B 130 -3.27 4.83 3.64
CA SER B 130 -3.76 4.74 5.01
C SER B 130 -3.98 6.11 5.58
N PHE B 131 -4.93 6.23 6.52
CA PHE B 131 -5.18 7.50 7.21
C PHE B 131 -5.86 7.21 8.55
N ASN B 132 -5.65 8.11 9.51
CA ASN B 132 -6.24 8.07 10.84
C ASN B 132 -7.50 8.86 10.86
N LYS B 133 -8.49 8.38 11.60
CA LYS B 133 -9.74 9.09 11.75
C LYS B 133 -10.28 8.91 13.18
N GLU B 134 -10.61 10.03 13.85
CA GLU B 134 -11.22 10.01 15.17
CA GLU B 134 -11.23 10.02 15.17
C GLU B 134 -12.74 9.89 14.98
N ILE B 135 -13.33 8.80 15.51
CA ILE B 135 -14.75 8.46 15.39
C ILE B 135 -15.49 8.85 16.68
N PHE B 136 -16.70 9.42 16.56
CA PHE B 136 -17.51 9.84 17.71
C PHE B 136 -18.89 9.22 17.64
N TYR C 16 6.68 -18.78 -41.46
CA TYR C 16 7.79 -18.84 -40.50
C TYR C 16 7.44 -19.85 -39.38
N PHE C 17 8.18 -20.99 -39.37
CA PHE C 17 7.97 -22.13 -38.46
C PHE C 17 8.85 -22.09 -37.19
N GLN C 18 9.93 -21.28 -37.16
CA GLN C 18 10.81 -21.25 -35.99
C GLN C 18 10.06 -20.61 -34.81
N GLY C 19 9.89 -21.40 -33.74
CA GLY C 19 9.20 -21.00 -32.53
C GLY C 19 7.73 -21.36 -32.49
N GLU C 20 7.23 -22.05 -33.54
CA GLU C 20 5.83 -22.48 -33.70
C GLU C 20 5.29 -23.25 -32.47
N GLN C 21 4.05 -22.90 -32.08
CA GLN C 21 3.32 -23.50 -30.97
CA GLN C 21 3.32 -23.49 -30.96
C GLN C 21 1.96 -24.00 -31.46
N VAL C 22 1.36 -24.98 -30.75
CA VAL C 22 0.03 -25.51 -31.13
C VAL C 22 -0.83 -25.58 -29.88
N GLN C 23 -2.08 -25.11 -29.97
CA GLN C 23 -3.09 -25.26 -28.91
C GLN C 23 -4.14 -26.19 -29.48
N ARG C 24 -4.47 -27.27 -28.79
CA ARG C 24 -5.41 -28.24 -29.34
C ARG C 24 -6.75 -28.24 -28.57
N PHE C 25 -7.88 -28.23 -29.31
CA PHE C 25 -9.26 -28.25 -28.81
C PHE C 25 -10.05 -29.34 -29.53
N GLY C 26 -9.69 -30.58 -29.29
CA GLY C 26 -10.32 -31.72 -29.97
C GLY C 26 -9.96 -31.65 -31.44
N ASP C 27 -10.98 -31.40 -32.30
CA ASP C 27 -10.83 -31.26 -33.75
C ASP C 27 -10.05 -29.99 -34.14
N LEU C 28 -10.29 -28.84 -33.44
CA LEU C 28 -9.60 -27.56 -33.74
C LEU C 28 -8.18 -27.53 -33.14
N ASP C 29 -7.16 -27.43 -34.03
CA ASP C 29 -5.73 -27.30 -33.74
C ASP C 29 -5.26 -25.95 -34.19
N VAL C 30 -4.94 -25.06 -33.24
CA VAL C 30 -4.52 -23.71 -33.62
C VAL C 30 -2.99 -23.60 -33.56
N HIS C 31 -2.38 -23.48 -34.74
CA HIS C 31 -0.95 -23.22 -34.86
C HIS C 31 -0.73 -21.71 -34.73
N TYR C 32 0.28 -21.32 -33.97
CA TYR C 32 0.57 -19.90 -33.82
C TYR C 32 2.05 -19.66 -33.58
N ASN C 33 2.50 -18.47 -33.95
CA ASN C 33 3.89 -18.10 -33.83
C ASN C 33 4.00 -16.60 -33.74
N VAL C 34 4.91 -16.14 -32.86
CA VAL C 34 5.17 -14.73 -32.65
C VAL C 34 6.63 -14.48 -33.07
N PHE C 35 6.86 -13.57 -34.02
CA PHE C 35 8.20 -13.29 -34.57
C PHE C 35 8.31 -11.85 -35.06
N ASN C 36 9.51 -11.44 -35.48
CA ASN C 36 9.78 -10.08 -35.96
C ASN C 36 9.18 -9.89 -37.33
N SER C 37 8.51 -8.75 -37.55
CA SER C 37 7.78 -8.47 -38.80
C SER C 37 8.73 -8.42 -40.03
N SER C 38 10.09 -8.30 -39.83
CA SER C 38 11.11 -8.32 -40.88
C SER C 38 11.23 -9.72 -41.54
N PHE C 39 10.83 -10.80 -40.82
CA PHE C 39 10.86 -12.17 -41.35
C PHE C 39 9.69 -12.43 -42.31
N LEU C 40 8.71 -11.48 -42.43
CA LEU C 40 7.61 -11.66 -43.38
C LEU C 40 8.09 -11.48 -44.81
N GLN C 41 7.62 -12.35 -45.74
CA GLN C 41 7.94 -12.20 -47.17
C GLN C 41 7.35 -10.87 -47.67
N PRO C 42 8.05 -10.11 -48.55
CA PRO C 42 7.53 -8.80 -48.99
C PRO C 42 6.11 -8.85 -49.58
N ASN C 43 5.75 -9.92 -50.33
CA ASN C 43 4.43 -10.07 -50.97
C ASN C 43 3.34 -10.32 -49.92
N VAL C 44 3.67 -11.05 -48.85
CA VAL C 44 2.72 -11.37 -47.78
C VAL C 44 2.39 -10.08 -47.01
N ALA C 45 3.44 -9.30 -46.60
CA ALA C 45 3.31 -8.05 -45.85
C ALA C 45 2.50 -6.99 -46.64
N SER C 46 2.79 -6.81 -47.95
CA SER C 46 2.11 -5.86 -48.83
C SER C 46 0.62 -6.18 -48.97
N ALA C 47 0.28 -7.49 -49.09
CA ALA C 47 -1.08 -8.00 -49.26
C ALA C 47 -1.99 -7.62 -48.10
N VAL C 48 -1.46 -7.51 -46.87
CA VAL C 48 -2.21 -7.18 -45.66
C VAL C 48 -1.85 -5.76 -45.16
N GLY C 49 -1.12 -4.98 -45.95
CA GLY C 49 -0.72 -3.62 -45.59
C GLY C 49 0.07 -3.51 -44.31
N LEU C 50 0.99 -4.45 -44.11
CA LEU C 50 1.85 -4.51 -42.92
C LEU C 50 3.23 -4.04 -43.30
N VAL C 51 3.80 -3.13 -42.53
CA VAL C 51 5.17 -2.68 -42.76
C VAL C 51 6.13 -3.71 -42.21
N ARG C 52 7.24 -3.91 -42.88
CA ARG C 52 8.30 -4.77 -42.37
C ARG C 52 9.24 -3.84 -41.60
N SER C 53 9.13 -3.82 -40.27
CA SER C 53 9.94 -2.97 -39.37
C SER C 53 10.52 -3.82 -38.24
N LYS C 54 11.80 -3.59 -37.89
CA LYS C 54 12.48 -4.32 -36.81
C LYS C 54 11.84 -4.01 -35.45
N ALA C 55 11.21 -2.83 -35.33
CA ALA C 55 10.54 -2.34 -34.11
C ALA C 55 9.12 -2.99 -33.89
N GLN C 56 8.69 -3.81 -34.87
CA GLN C 56 7.34 -4.39 -34.90
C GLN C 56 7.39 -5.90 -34.93
N GLY C 57 6.65 -6.52 -34.02
CA GLY C 57 6.48 -7.96 -34.00
C GLY C 57 5.23 -8.30 -34.79
N VAL C 58 5.04 -9.58 -35.04
CA VAL C 58 3.86 -10.05 -35.73
C VAL C 58 3.48 -11.37 -35.09
N ILE C 59 2.17 -11.60 -34.97
CA ILE C 59 1.66 -12.90 -34.54
C ILE C 59 0.90 -13.51 -35.73
N ASN C 60 1.22 -14.78 -36.06
CA ASN C 60 0.54 -15.57 -37.08
C ASN C 60 -0.30 -16.63 -36.39
N VAL C 61 -1.59 -16.71 -36.69
CA VAL C 61 -2.54 -17.69 -36.10
C VAL C 61 -3.11 -18.50 -37.26
N VAL C 62 -2.87 -19.83 -37.28
CA VAL C 62 -3.34 -20.68 -38.36
C VAL C 62 -4.21 -21.82 -37.75
N PRO C 63 -5.56 -21.67 -37.78
CA PRO C 63 -6.44 -22.75 -37.28
C PRO C 63 -6.56 -23.88 -38.30
N GLU C 65 -8.19 -28.23 -38.87
CA GLU C 65 -9.08 -29.37 -38.53
C GLU C 65 -8.71 -30.56 -39.39
N LYS C 66 -8.31 -31.68 -38.75
CA LYS C 66 -7.91 -32.96 -39.39
C LYS C 66 -6.72 -32.75 -40.38
N GLY C 67 -5.83 -31.82 -40.03
CA GLY C 67 -4.65 -31.48 -40.83
C GLY C 67 -4.92 -30.58 -42.02
N LYS C 68 -6.19 -30.14 -42.18
CA LYS C 68 -6.64 -29.27 -43.26
C LYS C 68 -6.91 -27.84 -42.74
N PRO C 69 -6.59 -26.77 -43.51
CA PRO C 69 -6.87 -25.41 -43.02
C PRO C 69 -8.35 -25.12 -42.97
N VAL C 70 -8.78 -24.21 -42.08
CA VAL C 70 -10.19 -23.86 -41.99
C VAL C 70 -10.32 -22.32 -42.00
N GLU C 71 -11.38 -21.82 -42.61
CA GLU C 71 -11.66 -20.38 -42.65
C GLU C 71 -12.08 -19.94 -41.24
N ALA C 72 -11.54 -18.82 -40.74
CA ALA C 72 -11.87 -18.34 -39.41
C ALA C 72 -11.70 -16.84 -39.26
N ALA C 73 -12.46 -16.26 -38.34
CA ALA C 73 -12.31 -14.88 -37.89
C ALA C 73 -11.43 -14.92 -36.63
N VAL C 74 -10.20 -14.41 -36.73
CA VAL C 74 -9.26 -14.41 -35.60
C VAL C 74 -9.22 -13.01 -35.01
N THR C 75 -9.44 -12.90 -33.70
CA THR C 75 -9.40 -11.63 -32.97
C THR C 75 -8.57 -11.83 -31.73
N GLY C 76 -8.18 -10.73 -31.11
CA GLY C 76 -7.40 -10.83 -29.89
C GLY C 76 -6.74 -9.55 -29.45
N SER C 77 -5.98 -9.67 -28.37
CA SER C 77 -5.21 -8.58 -27.76
C SER C 77 -4.10 -9.17 -26.93
N ALA C 78 -3.17 -8.32 -26.52
CA ALA C 78 -2.06 -8.70 -25.64
C ALA C 78 -2.02 -7.72 -24.47
N LYS C 79 -1.57 -8.19 -23.33
CA LYS C 79 -1.53 -7.36 -22.13
C LYS C 79 -0.16 -7.50 -21.50
N ASP C 80 0.42 -6.39 -21.02
CA ASP C 80 1.72 -6.43 -20.35
C ASP C 80 1.45 -6.47 -18.81
N LEU C 81 2.54 -6.49 -17.99
CA LEU C 81 2.47 -6.58 -16.51
C LEU C 81 1.86 -5.32 -15.84
N THR C 82 1.76 -4.17 -16.53
CA THR C 82 1.17 -2.95 -15.97
C THR C 82 -0.34 -2.92 -16.26
N GLY C 83 -0.83 -3.91 -17.02
CA GLY C 83 -2.24 -3.98 -17.40
C GLY C 83 -2.55 -3.28 -18.70
N LYS C 84 -1.52 -2.67 -19.35
CA LYS C 84 -1.69 -1.98 -20.63
C LYS C 84 -2.06 -3.01 -21.71
N VAL C 85 -3.16 -2.76 -22.41
CA VAL C 85 -3.69 -3.64 -23.44
C VAL C 85 -3.15 -3.18 -24.81
N ILE C 86 -2.53 -4.11 -25.55
CA ILE C 86 -2.01 -3.92 -26.90
C ILE C 86 -3.05 -4.52 -27.87
N PRO C 87 -3.79 -3.70 -28.64
CA PRO C 87 -4.82 -4.27 -29.53
C PRO C 87 -4.17 -4.99 -30.70
N LEU C 88 -4.83 -6.02 -31.22
CA LEU C 88 -4.30 -6.80 -32.33
C LEU C 88 -5.32 -6.81 -33.46
N GLU C 89 -4.92 -6.39 -34.63
CA GLU C 89 -5.85 -6.40 -35.76
C GLU C 89 -5.39 -7.44 -36.75
N PHE C 90 -6.08 -8.58 -36.81
CA PHE C 90 -5.69 -9.67 -37.68
C PHE C 90 -6.16 -9.44 -39.10
N ARG C 91 -5.29 -9.80 -40.04
CA ARG C 91 -5.57 -9.69 -41.47
C ARG C 91 -5.27 -11.04 -42.13
N ARG C 92 -6.19 -11.45 -42.98
CA ARG C 92 -6.13 -12.72 -43.68
C ARG C 92 -5.36 -12.58 -44.98
N VAL C 93 -4.49 -13.55 -45.26
CA VAL C 93 -3.75 -13.57 -46.53
C VAL C 93 -3.51 -15.05 -46.94
N SER C 94 -3.81 -15.39 -48.21
CA SER C 94 -3.53 -16.72 -48.74
C SER C 94 -2.46 -16.60 -49.83
N GLU C 95 -1.21 -16.95 -49.49
CA GLU C 95 -0.06 -16.90 -50.41
C GLU C 95 0.58 -18.26 -50.55
N GLU C 96 0.71 -18.75 -51.81
CA GLU C 96 1.29 -20.04 -52.23
C GLU C 96 0.50 -21.21 -51.60
N GLY C 97 -0.84 -21.09 -51.61
CA GLY C 97 -1.74 -22.11 -51.07
C GLY C 97 -1.94 -22.10 -49.57
N ALA C 98 -1.01 -21.46 -48.81
CA ALA C 98 -1.04 -21.37 -47.35
C ALA C 98 -1.86 -20.16 -46.87
N ILE C 99 -2.75 -20.35 -45.87
CA ILE C 99 -3.59 -19.28 -45.31
C ILE C 99 -2.96 -18.75 -44.00
N TYR C 100 -2.83 -17.41 -43.90
CA TYR C 100 -2.29 -16.85 -42.67
CA TYR C 100 -2.23 -16.65 -42.78
C TYR C 100 -3.24 -15.76 -42.10
N ASN C 101 -3.16 -15.57 -40.76
CA ASN C 101 -3.93 -14.58 -39.97
C ASN C 101 -2.91 -13.81 -39.18
N LEU C 102 -2.53 -12.64 -39.70
CA LEU C 102 -1.44 -11.87 -39.12
C LEU C 102 -1.88 -10.60 -38.41
N ALA C 103 -1.26 -10.30 -37.25
CA ALA C 103 -1.49 -9.05 -36.53
C ALA C 103 -0.14 -8.47 -36.12
N GLN C 104 0.06 -7.17 -36.36
CA GLN C 104 1.29 -6.47 -35.99
C GLN C 104 1.15 -5.80 -34.63
N PHE C 105 2.28 -5.65 -33.90
CA PHE C 105 2.25 -4.97 -32.60
C PHE C 105 3.62 -4.36 -32.35
N PRO C 106 3.70 -3.20 -31.67
CA PRO C 106 5.03 -2.59 -31.41
C PRO C 106 5.82 -3.33 -30.36
N ILE C 107 7.14 -3.35 -30.54
CA ILE C 107 8.10 -3.91 -29.61
C ILE C 107 9.06 -2.79 -29.21
N SER C 108 8.92 -2.26 -27.98
CA SER C 108 9.75 -1.14 -27.51
C SER C 108 10.83 -1.62 -26.54
N GLN C 109 10.63 -2.77 -25.89
CA GLN C 109 11.54 -3.30 -24.86
C GLN C 109 11.28 -4.78 -24.58
N ARG C 110 12.17 -5.40 -23.77
CA ARG C 110 12.02 -6.78 -23.32
C ARG C 110 10.81 -6.83 -22.37
N GLU C 111 9.87 -7.71 -22.69
CA GLU C 111 8.65 -7.83 -21.91
C GLU C 111 8.03 -9.18 -22.09
N THR C 112 7.20 -9.60 -21.12
CA THR C 112 6.42 -10.82 -21.24
C THR C 112 5.00 -10.36 -21.46
N LEU C 113 4.42 -10.73 -22.59
CA LEU C 113 3.04 -10.40 -22.91
C LEU C 113 2.13 -11.58 -22.72
N VAL C 114 0.89 -11.34 -22.28
CA VAL C 114 -0.18 -12.33 -22.21
C VAL C 114 -1.05 -12.11 -23.42
N PHE C 115 -1.06 -13.05 -24.35
CA PHE C 115 -1.91 -12.99 -25.54
C PHE C 115 -3.23 -13.71 -25.30
N THR C 116 -4.36 -13.11 -25.70
CA THR C 116 -5.68 -13.76 -25.61
C THR C 116 -6.24 -13.75 -26.99
N ILE C 117 -6.39 -14.94 -27.56
CA ILE C 117 -6.77 -15.14 -28.96
C ILE C 117 -8.13 -15.84 -29.06
N LYS C 118 -9.02 -15.27 -29.86
CA LYS C 118 -10.33 -15.88 -30.10
C LYS C 118 -10.39 -16.34 -31.55
N VAL C 119 -10.75 -17.60 -31.75
CA VAL C 119 -10.87 -18.20 -33.07
C VAL C 119 -12.33 -18.60 -33.30
N GLU C 120 -12.95 -18.00 -34.33
CA GLU C 120 -14.30 -18.31 -34.75
C GLU C 120 -14.20 -19.00 -36.09
N ALA C 121 -14.03 -20.33 -36.08
CA ALA C 121 -14.00 -21.11 -37.32
C ALA C 121 -15.41 -21.12 -37.94
N LYS C 122 -15.49 -21.10 -39.29
CA LYS C 122 -16.73 -21.05 -40.05
C LYS C 122 -17.72 -22.08 -39.53
N GLY C 123 -18.91 -21.61 -39.13
CA GLY C 123 -20.00 -22.45 -38.64
C GLY C 123 -19.79 -23.15 -37.30
N GLU C 124 -18.75 -22.78 -36.57
CA GLU C 124 -18.39 -23.41 -35.29
C GLU C 124 -18.48 -22.46 -34.10
N PRO C 125 -18.70 -22.97 -32.85
CA PRO C 125 -18.63 -22.10 -31.66
C PRO C 125 -17.24 -21.50 -31.50
N ALA C 126 -17.17 -20.28 -30.97
CA ALA C 126 -15.90 -19.62 -30.75
C ALA C 126 -15.05 -20.36 -29.72
N GLN C 127 -13.73 -20.26 -29.89
CA GLN C 127 -12.80 -20.85 -28.96
CA GLN C 127 -12.75 -20.87 -28.99
C GLN C 127 -11.71 -19.83 -28.60
N THR C 128 -11.44 -19.69 -27.31
CA THR C 128 -10.46 -18.74 -26.85
C THR C 128 -9.33 -19.47 -26.14
N PHE C 129 -8.09 -18.96 -26.32
CA PHE C 129 -6.91 -19.46 -25.63
C PHE C 129 -6.01 -18.28 -25.28
N SER C 130 -5.21 -18.43 -24.23
CA SER C 130 -4.22 -17.46 -23.77
C SER C 130 -2.86 -18.11 -23.67
N PHE C 131 -1.81 -17.34 -23.83
CA PHE C 131 -0.44 -17.82 -23.66
C PHE C 131 0.46 -16.64 -23.35
N ASN C 132 1.54 -16.91 -22.62
CA ASN C 132 2.62 -15.98 -22.28
C ASN C 132 3.70 -16.07 -23.31
N LYS C 133 4.26 -14.92 -23.69
CA LYS C 133 5.37 -14.89 -24.60
C LYS C 133 6.31 -13.79 -24.17
N GLU C 134 7.58 -14.15 -23.92
CA GLU C 134 8.60 -13.16 -23.65
C GLU C 134 9.12 -12.63 -24.98
N ILE C 135 9.01 -11.32 -25.17
CA ILE C 135 9.35 -10.54 -26.37
C ILE C 135 10.71 -9.89 -26.18
N PHE C 136 11.55 -9.89 -27.21
CA PHE C 136 12.88 -9.27 -27.19
C PHE C 136 13.00 -8.30 -28.37
N PRO C 137 13.34 -7.03 -28.09
CA PRO C 137 13.48 -6.06 -29.19
C PRO C 137 14.68 -6.30 -30.08
N ASP C 138 14.52 -5.99 -31.35
CA ASP C 138 15.58 -6.08 -32.35
C ASP C 138 16.00 -4.68 -32.75
N GLU C 139 17.30 -4.44 -32.89
CA GLU C 139 17.86 -3.13 -33.30
C GLU C 139 17.48 -2.75 -34.74
N GLU D 20 12.00 17.37 -8.13
CA GLU D 20 11.87 15.96 -8.51
C GLU D 20 10.39 15.52 -8.31
N GLN D 21 10.06 14.18 -8.33
CA GLN D 21 8.64 13.88 -8.20
C GLN D 21 8.23 13.88 -6.71
N VAL D 22 6.95 14.14 -6.43
CA VAL D 22 6.43 14.19 -5.05
C VAL D 22 5.17 13.30 -4.93
N GLN D 23 5.16 12.39 -3.93
CA GLN D 23 4.01 11.53 -3.63
C GLN D 23 3.50 11.92 -2.24
N ARG D 24 2.24 12.40 -2.19
CA ARG D 24 1.68 12.90 -0.93
C ARG D 24 0.70 11.91 -0.28
N PHE D 25 0.69 11.93 1.06
CA PHE D 25 -0.18 11.17 1.97
C PHE D 25 -0.53 12.08 3.13
N GLY D 26 -1.44 13.01 2.88
CA GLY D 26 -1.84 14.03 3.84
C GLY D 26 -0.65 14.92 4.16
N ASP D 27 -0.17 14.82 5.41
CA ASP D 27 0.99 15.56 5.92
C ASP D 27 2.31 15.07 5.32
N LEU D 28 2.42 13.75 5.04
CA LEU D 28 3.64 13.13 4.51
C LEU D 28 3.80 13.38 2.99
N ASP D 29 4.83 14.17 2.64
CA ASP D 29 5.23 14.51 1.26
C ASP D 29 6.52 13.76 0.95
N VAL D 30 6.45 12.74 0.07
CA VAL D 30 7.60 11.90 -0.26
C VAL D 30 8.21 12.36 -1.62
N HIS D 31 9.37 13.03 -1.53
CA HIS D 31 10.15 13.49 -2.67
C HIS D 31 11.04 12.37 -3.13
N TYR D 32 11.01 12.07 -4.43
CA TYR D 32 11.83 10.98 -4.95
C TYR D 32 12.34 11.31 -6.34
N ASN D 33 13.48 10.70 -6.67
CA ASN D 33 14.11 10.85 -7.97
C ASN D 33 14.93 9.62 -8.31
N VAL D 34 14.84 9.20 -9.57
CA VAL D 34 15.56 8.05 -10.13
C VAL D 34 16.44 8.58 -11.26
N PHE D 35 17.69 8.14 -11.31
CA PHE D 35 18.61 8.55 -12.36
C PHE D 35 19.77 7.57 -12.48
N ASN D 36 20.56 7.77 -13.54
CA ASN D 36 21.74 6.99 -13.91
C ASN D 36 22.89 7.45 -13.03
N SER D 37 23.67 6.52 -12.48
CA SER D 37 24.80 6.81 -11.59
C SER D 37 25.96 7.54 -12.31
N SER D 38 25.90 7.69 -13.67
CA SER D 38 26.93 8.38 -14.45
C SER D 38 26.98 9.88 -14.11
N PHE D 39 25.84 10.47 -13.67
CA PHE D 39 25.77 11.87 -13.23
C PHE D 39 26.22 11.99 -11.77
N LEU D 40 26.17 10.84 -11.02
CA LEU D 40 26.52 10.63 -9.61
C LEU D 40 25.61 11.42 -8.68
N VAL D 51 28.97 3.49 -6.40
CA VAL D 51 29.65 2.75 -7.46
C VAL D 51 29.91 3.71 -8.66
N ARG D 52 28.90 4.53 -9.05
CA ARG D 52 28.95 5.52 -10.14
C ARG D 52 29.44 4.89 -11.46
N SER D 53 28.49 4.26 -12.20
CA SER D 53 28.75 3.62 -13.49
C SER D 53 27.51 3.67 -14.38
N LYS D 54 27.73 3.64 -15.71
CA LYS D 54 26.68 3.61 -16.75
C LYS D 54 25.80 2.37 -16.58
N ALA D 55 26.36 1.37 -15.88
CA ALA D 55 25.73 0.08 -15.63
C ALA D 55 24.83 0.10 -14.37
N GLN D 56 24.91 1.15 -13.51
CA GLN D 56 24.12 1.22 -12.28
C GLN D 56 23.28 2.50 -12.17
N GLY D 57 22.06 2.36 -11.67
CA GLY D 57 21.15 3.49 -11.42
C GLY D 57 21.00 3.76 -9.93
N VAL D 58 20.43 4.90 -9.56
CA VAL D 58 20.21 5.19 -8.13
C VAL D 58 18.83 5.87 -7.97
N ILE D 59 18.20 5.57 -6.84
CA ILE D 59 16.94 6.15 -6.41
C ILE D 59 17.20 6.87 -5.08
N ASN D 60 16.71 8.11 -4.98
CA ASN D 60 16.75 8.92 -3.77
C ASN D 60 15.34 9.19 -3.30
N VAL D 61 15.07 8.83 -2.04
CA VAL D 61 13.76 9.04 -1.42
C VAL D 61 13.99 10.00 -0.25
N VAL D 62 13.20 11.10 -0.21
CA VAL D 62 13.31 12.10 0.86
C VAL D 62 11.89 12.42 1.42
N PRO D 63 11.49 11.79 2.55
CA PRO D 63 10.18 12.08 3.14
C PRO D 63 10.21 13.37 3.95
N GLU D 65 7.45 16.48 6.17
CA GLU D 65 6.21 16.89 6.84
C GLU D 65 6.30 18.37 7.20
N LYS D 66 5.32 19.18 6.72
CA LYS D 66 5.22 20.64 6.92
C LYS D 66 6.51 21.37 6.43
N GLY D 67 7.12 20.85 5.36
CA GLY D 67 8.34 21.38 4.74
C GLY D 67 9.62 21.02 5.46
N LYS D 68 9.53 20.24 6.56
CA LYS D 68 10.66 19.81 7.39
C LYS D 68 10.99 18.33 7.16
N PRO D 69 12.28 17.93 7.18
CA PRO D 69 12.60 16.51 6.97
C PRO D 69 12.16 15.65 8.16
N VAL D 70 11.84 14.38 7.91
CA VAL D 70 11.39 13.49 8.97
C VAL D 70 12.18 12.18 8.93
N GLU D 71 12.33 11.58 10.12
CA GLU D 71 12.95 10.27 10.33
C GLU D 71 12.07 9.19 9.70
N ALA D 72 12.63 8.32 8.86
CA ALA D 72 11.83 7.26 8.23
C ALA D 72 12.66 6.08 7.80
N ALA D 73 12.00 4.90 7.83
CA ALA D 73 12.54 3.66 7.31
C ALA D 73 12.01 3.48 5.90
N VAL D 74 12.91 3.57 4.89
CA VAL D 74 12.54 3.44 3.48
C VAL D 74 12.98 2.06 2.96
N THR D 75 12.02 1.31 2.39
CA THR D 75 12.25 0.00 1.82
C THR D 75 11.56 -0.05 0.44
N GLY D 76 11.87 -1.06 -0.35
CA GLY D 76 11.22 -1.22 -1.63
C GLY D 76 11.91 -2.16 -2.59
N SER D 77 11.36 -2.23 -3.81
CA SER D 77 11.83 -3.04 -4.91
C SER D 77 11.34 -2.46 -6.22
N ALA D 78 11.90 -2.95 -7.34
CA ALA D 78 11.47 -2.58 -8.68
C ALA D 78 11.20 -3.84 -9.48
N LYS D 79 10.25 -3.78 -10.40
CA LYS D 79 9.88 -4.94 -11.21
C LYS D 79 9.94 -4.54 -12.69
N ASP D 80 10.56 -5.38 -13.54
CA ASP D 80 10.63 -5.10 -14.99
C ASP D 80 9.41 -5.79 -15.66
N LEU D 81 9.20 -5.56 -16.96
CA LEU D 81 8.04 -6.10 -17.66
C LEU D 81 8.13 -7.63 -17.97
N THR D 82 9.20 -8.32 -17.51
CA THR D 82 9.25 -9.79 -17.58
C THR D 82 8.79 -10.37 -16.22
N GLY D 83 8.55 -9.50 -15.24
CA GLY D 83 8.19 -9.88 -13.88
C GLY D 83 9.38 -10.07 -12.96
N LYS D 84 10.60 -9.83 -13.46
CA LYS D 84 11.82 -9.96 -12.65
C LYS D 84 11.84 -8.86 -11.60
N VAL D 85 12.02 -9.23 -10.31
CA VAL D 85 12.03 -8.29 -9.19
C VAL D 85 13.49 -7.91 -8.86
N ILE D 86 13.76 -6.59 -8.83
CA ILE D 86 15.05 -6.00 -8.52
C ILE D 86 14.99 -5.53 -7.05
N PRO D 87 15.74 -6.15 -6.12
CA PRO D 87 15.71 -5.68 -4.73
C PRO D 87 16.38 -4.32 -4.57
N LEU D 88 15.90 -3.51 -3.63
CA LEU D 88 16.49 -2.18 -3.38
C LEU D 88 16.91 -2.09 -1.92
N GLU D 89 18.16 -1.74 -1.66
CA GLU D 89 18.62 -1.64 -0.29
C GLU D 89 18.94 -0.18 -0.02
N PHE D 90 18.09 0.48 0.76
CA PHE D 90 18.24 1.89 1.05
C PHE D 90 19.23 2.11 2.18
N ARG D 91 20.05 3.15 2.01
CA ARG D 91 21.04 3.58 2.99
C ARG D 91 20.83 5.05 3.28
N ARG D 92 20.83 5.38 4.56
CA ARG D 92 20.63 6.74 5.05
C ARG D 92 21.95 7.52 5.05
N VAL D 93 21.92 8.75 4.54
CA VAL D 93 23.10 9.61 4.51
C VAL D 93 22.64 11.08 4.73
N SER D 94 23.30 11.78 5.66
CA SER D 94 23.01 13.19 5.92
C SER D 94 24.22 14.02 5.48
N GLU D 95 24.13 14.65 4.29
CA GLU D 95 25.18 15.49 3.73
C GLU D 95 24.66 16.91 3.47
N GLU D 96 25.39 17.92 4.01
CA GLU D 96 25.09 19.36 3.94
C GLU D 96 23.73 19.68 4.61
N GLY D 97 23.48 19.06 5.76
CA GLY D 97 22.26 19.24 6.54
C GLY D 97 21.05 18.46 6.07
N ALA D 98 21.00 18.13 4.77
CA ALA D 98 19.91 17.37 4.18
C ALA D 98 20.06 15.88 4.49
N ILE D 99 18.95 15.14 4.52
CA ILE D 99 18.91 13.69 4.77
C ILE D 99 18.46 12.95 3.48
N TYR D 100 19.19 11.91 3.09
CA TYR D 100 18.89 11.14 1.88
C TYR D 100 18.77 9.65 2.17
N ASN D 101 17.96 8.96 1.35
CA ASN D 101 17.73 7.52 1.42
C ASN D 101 17.99 7.01 0.04
N LEU D 102 19.19 6.43 -0.15
CA LEU D 102 19.65 5.99 -1.46
C LEU D 102 19.76 4.49 -1.61
N ALA D 103 19.47 4.02 -2.81
CA ALA D 103 19.59 2.64 -3.21
C ALA D 103 20.12 2.57 -4.61
N GLN D 104 20.89 1.53 -4.92
CA GLN D 104 21.45 1.34 -6.25
C GLN D 104 20.80 0.13 -6.92
N PHE D 105 20.77 0.10 -8.25
CA PHE D 105 20.18 -1.04 -8.97
C PHE D 105 20.85 -1.20 -10.33
N PRO D 106 21.01 -2.44 -10.85
CA PRO D 106 21.66 -2.60 -12.15
C PRO D 106 20.78 -2.20 -13.33
N ILE D 107 21.42 -1.71 -14.39
CA ILE D 107 20.80 -1.30 -15.65
C ILE D 107 21.50 -2.08 -16.78
N SER D 108 20.80 -3.02 -17.43
CA SER D 108 21.43 -3.77 -18.53
C SER D 108 20.90 -3.32 -19.92
N GLN D 109 19.70 -2.71 -19.95
CA GLN D 109 19.03 -2.29 -21.18
C GLN D 109 17.93 -1.23 -20.88
N ARG D 110 17.48 -0.51 -21.95
CA ARG D 110 16.40 0.49 -21.88
C ARG D 110 15.12 -0.27 -21.60
N GLU D 111 14.50 0.06 -20.44
CA GLU D 111 13.29 -0.59 -19.97
CA GLU D 111 13.33 -0.60 -19.86
C GLU D 111 12.47 0.31 -19.04
N THR D 112 11.26 -0.14 -18.79
CA THR D 112 10.31 0.47 -17.89
C THR D 112 10.37 -0.34 -16.61
N LEU D 113 10.58 0.34 -15.49
CA LEU D 113 10.52 -0.33 -14.20
C LEU D 113 9.36 0.21 -13.42
N VAL D 114 8.71 -0.67 -12.66
CA VAL D 114 7.67 -0.34 -11.72
C VAL D 114 8.32 -0.35 -10.36
N PHE D 115 8.55 0.82 -9.77
CA PHE D 115 9.10 0.94 -8.40
C PHE D 115 7.99 0.94 -7.38
N THR D 116 8.12 0.12 -6.31
CA THR D 116 7.20 0.05 -5.16
C THR D 116 8.02 0.46 -3.95
N ILE D 117 7.72 1.63 -3.35
CA ILE D 117 8.47 2.15 -2.22
C ILE D 117 7.58 2.19 -0.98
N LYS D 118 8.07 1.70 0.17
CA LYS D 118 7.39 1.76 1.47
C LYS D 118 8.09 2.76 2.35
N VAL D 119 7.34 3.74 2.89
CA VAL D 119 7.87 4.77 3.78
C VAL D 119 7.20 4.62 5.14
N GLU D 120 7.99 4.41 6.18
CA GLU D 120 7.51 4.37 7.57
C GLU D 120 8.08 5.56 8.29
N ALA D 121 7.36 6.68 8.20
CA ALA D 121 7.76 7.92 8.81
C ALA D 121 7.24 8.00 10.23
N LYS D 122 8.03 8.61 11.10
CA LYS D 122 7.65 8.83 12.51
C LYS D 122 6.31 9.60 12.60
N GLY D 123 5.42 9.07 13.44
CA GLY D 123 4.08 9.63 13.66
C GLY D 123 3.11 9.50 12.49
N GLU D 124 3.47 8.72 11.47
CA GLU D 124 2.62 8.50 10.31
C GLU D 124 2.24 7.04 10.12
N PRO D 125 1.08 6.71 9.51
CA PRO D 125 0.85 5.30 9.13
C PRO D 125 1.86 4.87 8.04
N ALA D 126 2.32 3.60 8.00
CA ALA D 126 3.21 3.15 6.92
C ALA D 126 2.52 3.36 5.59
N GLN D 127 3.25 3.89 4.62
CA GLN D 127 2.65 4.22 3.36
C GLN D 127 3.42 3.61 2.25
N THR D 128 2.71 3.03 1.28
CA THR D 128 3.35 2.45 0.11
C THR D 128 2.82 3.15 -1.14
N PHE D 129 3.71 3.36 -2.11
CA PHE D 129 3.33 3.95 -3.39
C PHE D 129 4.12 3.25 -4.50
N SER D 130 3.51 3.18 -5.69
CA SER D 130 4.15 2.64 -6.89
C SER D 130 4.17 3.66 -8.01
N PHE D 131 5.18 3.58 -8.87
CA PHE D 131 5.29 4.49 -10.01
C PHE D 131 6.10 3.81 -11.11
N ASN D 132 5.84 4.18 -12.36
CA ASN D 132 6.55 3.72 -13.53
C ASN D 132 7.66 4.66 -13.86
N LYS D 133 8.84 4.13 -14.19
CA LYS D 133 9.97 4.98 -14.59
C LYS D 133 10.76 4.30 -15.72
N GLU D 134 11.00 5.04 -16.81
CA GLU D 134 11.78 4.52 -17.93
C GLU D 134 13.26 4.74 -17.66
N ILE D 135 14.02 3.65 -17.71
CA ILE D 135 15.46 3.56 -17.46
C ILE D 135 16.22 3.50 -18.79
N PHE D 136 17.34 4.23 -18.88
CA PHE D 136 18.17 4.28 -20.08
C PHE D 136 19.62 3.92 -19.75
N PRO D 137 20.20 2.88 -20.39
CA PRO D 137 21.63 2.62 -20.17
C PRO D 137 22.48 3.71 -20.86
N ASP D 138 23.68 3.99 -20.37
CA ASP D 138 24.49 5.05 -20.99
C ASP D 138 25.63 4.47 -21.85
N GLU D 139 25.90 5.11 -23.01
CA GLU D 139 26.95 4.76 -23.96
C GLU D 139 28.35 5.02 -23.39
#